data_6VJT
#
_entry.id   6VJT
#
_cell.length_a   49.848
_cell.length_b   71.150
_cell.length_c   134.704
_cell.angle_alpha   90.000
_cell.angle_beta   90.000
_cell.angle_gamma   90.000
#
_symmetry.space_group_name_H-M   'P 21 21 21'
#
loop_
_entity.id
_entity.type
_entity.pdbx_description
1 polymer 'Heavy Chain Fab Fragment of Monoclonal Ab15'
2 polymer 'Light Chain Fab Fragment of Monoclonal antibody A15'
3 polymer 'antigenic region 139-148 of Hepatitis B surface antigen protein'
4 water water
#
loop_
_entity_poly.entity_id
_entity_poly.type
_entity_poly.pdbx_seq_one_letter_code
_entity_poly.pdbx_strand_id
1 'polypeptide(L)'
;QVQLVESGGGVAQPGRSLRLSCAASGFSFSRHGMHWVRQAPGKGLEWVAGIWFDGTNDYYTDSVKGRFTISRDNSRSTLY
LDINSLRAEDTAVYYCAREDPHLLIATLDLWGLGTLVTVSSASTKGPSVFPLAPSSKSTSGGTAALGCLVKDYFPEPVTV
SWNSGALTSGVHTFPAVLQSSGLYSLSSVVTVPSSSLGTQTYICNVNHKPSNTKVDKRVEPKSCD
;
H
2 'polypeptide(L)'
;DIQVTQSPSSLSAFVGDRVTITCRASQGLTSFINWYQQKPGRAPKLLISSASSLQRGVPSRFTASGSGTHFTLTISSLQP
EDFATYYCQQSYGTPALAFGGGTKVDIKRTVAAPSVFIFPPSDEQLKSGTASVVCLLNNFYPREAKVQWKVDNALQSGNS
QESVTEQDSKDSTYSLSSTLTLSKADYEKHKVYACEVTHQGLSSPVTKSFNRGEC
;
L
3 'polypeptide(L)' STKPSDGNSTS P
#
# COMPACT_ATOMS: atom_id res chain seq x y z
N GLN A 1 -13.45 15.56 21.01
CA GLN A 1 -13.02 15.08 19.71
C GLN A 1 -14.24 14.77 18.84
N VAL A 2 -14.27 15.33 17.63
CA VAL A 2 -15.29 15.02 16.63
C VAL A 2 -14.71 13.90 15.78
N GLN A 3 -15.23 12.68 15.90
CA GLN A 3 -14.50 11.54 15.36
C GLN A 3 -15.41 10.35 15.12
N LEU A 4 -14.89 9.40 14.35
CA LEU A 4 -15.47 8.08 14.12
C LEU A 4 -14.42 7.05 14.49
N VAL A 5 -14.83 5.95 15.14
CA VAL A 5 -13.88 4.93 15.58
C VAL A 5 -14.40 3.57 15.15
N GLU A 6 -13.69 2.92 14.21
CA GLU A 6 -14.08 1.60 13.74
C GLU A 6 -13.46 0.50 14.59
N SER A 7 -14.19 -0.59 14.76
CA SER A 7 -13.70 -1.77 15.45
C SER A 7 -14.27 -3.02 14.78
N GLY A 8 -13.73 -4.17 15.15
CA GLY A 8 -14.24 -5.45 14.70
C GLY A 8 -13.36 -6.13 13.68
N GLY A 9 -12.31 -5.47 13.23
CA GLY A 9 -11.39 -6.09 12.31
C GLY A 9 -10.53 -7.16 12.97
N GLY A 10 -9.85 -7.91 12.13
CA GLY A 10 -9.02 -9.01 12.57
C GLY A 10 -8.95 -10.04 11.46
N VAL A 11 -8.32 -11.17 11.78
CA VAL A 11 -8.24 -12.27 10.84
C VAL A 11 -9.53 -13.07 10.90
N ALA A 12 -10.11 -13.35 9.73
CA ALA A 12 -11.30 -14.20 9.64
C ALA A 12 -11.13 -15.16 8.47
N GLN A 13 -11.79 -16.31 8.57
CA GLN A 13 -11.66 -17.29 7.51
C GLN A 13 -12.68 -17.03 6.41
N PRO A 14 -12.33 -17.32 5.16
CA PRO A 14 -13.31 -17.21 4.07
C PRO A 14 -14.55 -18.02 4.39
N GLY A 15 -15.71 -17.49 4.01
CA GLY A 15 -16.96 -18.13 4.31
C GLY A 15 -17.57 -17.80 5.66
N ARG A 16 -16.79 -17.27 6.60
CA ARG A 16 -17.34 -16.88 7.89
C ARG A 16 -18.01 -15.52 7.80
N SER A 17 -18.70 -15.14 8.87
CA SER A 17 -19.36 -13.83 8.97
CA SER A 17 -19.35 -13.83 8.95
C SER A 17 -18.54 -12.90 9.85
N LEU A 18 -18.84 -11.61 9.74
CA LEU A 18 -18.11 -10.60 10.50
C LEU A 18 -19.01 -9.39 10.70
N ARG A 19 -18.80 -8.67 11.80
CA ARG A 19 -19.55 -7.46 12.09
C ARG A 19 -18.60 -6.35 12.51
N LEU A 20 -18.59 -5.27 11.74
CA LEU A 20 -17.77 -4.11 12.06
C LEU A 20 -18.66 -3.06 12.71
N SER A 21 -18.08 -2.32 13.65
CA SER A 21 -18.78 -1.24 14.32
C SER A 21 -18.00 0.05 14.11
N CYS A 22 -18.73 1.17 14.18
CA CYS A 22 -18.15 2.50 14.05
C CYS A 22 -18.82 3.42 15.06
N ALA A 23 -18.06 3.88 16.07
CA ALA A 23 -18.61 4.71 17.14
C ALA A 23 -18.38 6.19 16.82
N ALA A 24 -19.47 6.95 16.74
CA ALA A 24 -19.39 8.38 16.46
C ALA A 24 -19.43 9.19 17.74
N SER A 25 -18.64 10.27 17.78
CA SER A 25 -18.61 11.18 18.92
C SER A 25 -18.49 12.61 18.42
N GLY A 26 -19.14 13.55 19.12
CA GLY A 26 -18.86 14.95 18.93
C GLY A 26 -19.72 15.67 17.93
N PHE A 27 -20.68 14.98 17.31
CA PHE A 27 -21.61 15.61 16.38
C PHE A 27 -22.92 14.87 16.47
N SER A 28 -23.94 15.39 15.79
CA SER A 28 -25.28 14.78 15.80
C SER A 28 -25.33 13.66 14.77
N PHE A 29 -25.02 12.44 15.22
CA PHE A 29 -24.91 11.29 14.32
C PHE A 29 -26.18 11.07 13.51
N SER A 30 -27.35 11.27 14.13
CA SER A 30 -28.61 10.96 13.47
C SER A 30 -28.99 11.96 12.39
N ARG A 31 -28.22 13.02 12.17
CA ARG A 31 -28.48 13.96 11.09
C ARG A 31 -27.70 13.64 9.82
N HIS A 32 -26.86 12.59 9.83
CA HIS A 32 -25.92 12.37 8.73
C HIS A 32 -26.16 11.02 8.06
N GLY A 33 -26.16 11.01 6.73
CA GLY A 33 -25.90 9.78 6.02
C GLY A 33 -24.51 9.27 6.36
N MET A 34 -24.35 7.95 6.33
CA MET A 34 -23.07 7.34 6.67
C MET A 34 -22.69 6.31 5.61
N HIS A 35 -21.38 6.04 5.51
CA HIS A 35 -20.84 5.17 4.48
C HIS A 35 -19.70 4.33 5.04
N TRP A 36 -19.47 3.19 4.37
CA TRP A 36 -18.27 2.40 4.54
C TRP A 36 -17.48 2.46 3.25
N VAL A 37 -16.17 2.73 3.37
CA VAL A 37 -15.22 2.74 2.26
C VAL A 37 -14.06 1.85 2.67
N ARG A 38 -13.57 1.01 1.76
CA ARG A 38 -12.49 0.11 2.11
C ARG A 38 -11.29 0.33 1.21
N GLN A 39 -10.14 -0.18 1.66
CA GLN A 39 -8.91 -0.04 0.88
C GLN A 39 -8.11 -1.33 0.99
N ALA A 40 -8.08 -2.11 -0.08
CA ALA A 40 -7.30 -3.33 -0.09
C ALA A 40 -5.82 -2.98 -0.01
N PRO A 41 -4.99 -3.87 0.56
CA PRO A 41 -3.55 -3.57 0.68
C PRO A 41 -2.94 -3.14 -0.64
N GLY A 42 -2.35 -1.95 -0.65
CA GLY A 42 -1.68 -1.45 -1.82
C GLY A 42 -2.59 -0.92 -2.91
N LYS A 43 -3.89 -0.81 -2.67
CA LYS A 43 -4.83 -0.40 -3.69
C LYS A 43 -5.49 0.93 -3.29
N GLY A 44 -6.38 1.41 -4.18
CA GLY A 44 -7.06 2.66 -3.97
C GLY A 44 -8.30 2.47 -3.12
N LEU A 45 -8.99 3.58 -2.88
CA LEU A 45 -10.22 3.55 -2.10
C LEU A 45 -11.36 2.95 -2.91
N GLU A 46 -12.20 2.14 -2.27
CA GLU A 46 -13.41 1.58 -2.89
C GLU A 46 -14.59 1.82 -1.98
N TRP A 47 -15.54 2.65 -2.44
CA TRP A 47 -16.80 2.79 -1.71
C TRP A 47 -17.58 1.48 -1.71
N VAL A 48 -18.18 1.12 -0.57
CA VAL A 48 -18.92 -0.15 -0.58
C VAL A 48 -20.38 -0.04 -0.14
N ALA A 49 -20.72 0.92 0.72
CA ALA A 49 -22.08 0.92 1.28
C ALA A 49 -22.44 2.29 1.85
N GLY A 50 -23.73 2.62 1.76
CA GLY A 50 -24.23 3.88 2.25
C GLY A 50 -25.61 3.69 2.86
N ILE A 51 -25.98 4.63 3.73
CA ILE A 51 -27.27 4.54 4.41
C ILE A 51 -27.76 5.94 4.74
N TRP A 52 -29.07 6.12 4.72
CA TRP A 52 -29.66 7.40 5.06
C TRP A 52 -29.55 7.67 6.57
N PHE A 53 -29.73 8.95 6.92
CA PHE A 53 -29.64 9.36 8.32
C PHE A 53 -30.58 8.57 9.23
N ASP A 54 -31.71 8.10 8.71
CA ASP A 54 -32.72 7.45 9.53
C ASP A 54 -32.62 5.93 9.49
N GLY A 55 -31.57 5.37 8.88
CA GLY A 55 -31.40 3.94 8.86
C GLY A 55 -32.09 3.21 7.71
N THR A 56 -32.82 3.93 6.88
CA THR A 56 -33.47 3.37 5.71
C THR A 56 -32.57 3.55 4.49
N ASN A 57 -32.97 2.93 3.38
CA ASN A 57 -32.32 3.11 2.10
C ASN A 57 -30.83 2.75 2.16
N ASP A 58 -30.53 1.54 2.65
CA ASP A 58 -29.16 1.07 2.56
C ASP A 58 -28.88 0.60 1.15
N TYR A 59 -27.71 0.97 0.62
CA TYR A 59 -27.36 0.65 -0.76
C TYR A 59 -25.87 0.32 -0.82
N TYR A 60 -25.48 -0.38 -1.89
CA TYR A 60 -24.21 -1.11 -1.91
C TYR A 60 -23.58 -1.05 -3.28
N THR A 61 -22.28 -1.27 -3.34
CA THR A 61 -21.67 -1.55 -4.63
C THR A 61 -22.05 -2.96 -5.05
N ASP A 62 -22.09 -3.20 -6.38
CA ASP A 62 -22.65 -4.45 -6.89
C ASP A 62 -21.97 -5.68 -6.30
N SER A 63 -20.64 -5.63 -6.11
CA SER A 63 -19.91 -6.82 -5.73
C SER A 63 -20.14 -7.25 -4.28
N VAL A 64 -20.81 -6.44 -3.48
CA VAL A 64 -21.08 -6.81 -2.09
C VAL A 64 -22.56 -6.91 -1.78
N LYS A 65 -23.45 -6.52 -2.69
CA LYS A 65 -24.87 -6.59 -2.40
C LYS A 65 -25.27 -8.04 -2.17
N GLY A 66 -26.11 -8.27 -1.14
CA GLY A 66 -26.48 -9.60 -0.74
C GLY A 66 -25.53 -10.27 0.22
N ARG A 67 -24.31 -9.75 0.36
CA ARG A 67 -23.36 -10.20 1.37
C ARG A 67 -23.15 -9.19 2.49
N PHE A 68 -23.18 -7.89 2.19
CA PHE A 68 -22.95 -6.85 3.17
C PHE A 68 -24.28 -6.23 3.58
N THR A 69 -24.40 -5.91 4.87
CA THR A 69 -25.51 -5.07 5.32
C THR A 69 -24.95 -3.92 6.15
N ILE A 70 -25.24 -2.71 5.73
CA ILE A 70 -24.93 -1.53 6.53
C ILE A 70 -26.17 -1.17 7.33
N SER A 71 -25.98 -0.78 8.59
CA SER A 71 -27.11 -0.47 9.46
C SER A 71 -26.63 0.49 10.52
N ARG A 72 -27.57 1.05 11.28
CA ARG A 72 -27.14 2.01 12.29
C ARG A 72 -28.06 1.94 13.49
N ASP A 73 -27.52 2.32 14.63
CA ASP A 73 -28.28 2.45 15.87
C ASP A 73 -28.10 3.90 16.32
N ASN A 74 -29.08 4.76 15.96
CA ASN A 74 -28.92 6.18 16.25
C ASN A 74 -28.98 6.47 17.74
N SER A 75 -29.66 5.64 18.52
CA SER A 75 -29.68 5.83 19.96
C SER A 75 -28.30 5.62 20.58
N ARG A 76 -27.43 4.87 19.92
CA ARG A 76 -26.07 4.62 20.40
C ARG A 76 -24.99 5.25 19.51
N SER A 77 -25.38 6.13 18.59
CA SER A 77 -24.46 6.80 17.66
C SER A 77 -23.45 5.83 17.06
N THR A 78 -23.93 4.69 16.60
CA THR A 78 -23.06 3.65 16.05
C THR A 78 -23.55 3.19 14.69
N LEU A 79 -22.60 2.96 13.80
CA LEU A 79 -22.80 2.41 12.47
C LEU A 79 -22.25 0.99 12.43
N TYR A 80 -22.90 0.12 11.66
CA TYR A 80 -22.51 -1.28 11.57
C TYR A 80 -22.32 -1.66 10.12
N LEU A 81 -21.43 -2.63 9.89
CA LEU A 81 -21.34 -3.33 8.62
C LEU A 81 -21.30 -4.82 8.93
N ASP A 82 -22.33 -5.54 8.51
CA ASP A 82 -22.39 -6.99 8.64
C ASP A 82 -21.99 -7.62 7.31
N ILE A 83 -21.05 -8.55 7.36
CA ILE A 83 -20.68 -9.37 6.20
C ILE A 83 -21.09 -10.80 6.48
N ASN A 84 -21.97 -11.36 5.66
CA ASN A 84 -22.51 -12.68 6.00
C ASN A 84 -21.66 -13.83 5.49
N SER A 85 -20.82 -13.61 4.48
CA SER A 85 -19.91 -14.64 3.99
CA SER A 85 -19.90 -14.64 3.98
C SER A 85 -18.69 -13.96 3.40
N LEU A 86 -17.55 -14.11 4.07
CA LEU A 86 -16.35 -13.39 3.67
C LEU A 86 -15.63 -14.08 2.50
N ARG A 87 -15.05 -13.26 1.63
CA ARG A 87 -14.24 -13.70 0.52
C ARG A 87 -12.82 -13.15 0.67
N ALA A 88 -11.86 -13.83 0.04
CA ALA A 88 -10.49 -13.35 0.10
C ALA A 88 -10.38 -11.89 -0.35
N GLU A 89 -11.18 -11.50 -1.35
CA GLU A 89 -11.15 -10.15 -1.91
C GLU A 89 -11.72 -9.10 -0.97
N ASP A 90 -12.25 -9.51 0.18
CA ASP A 90 -12.73 -8.57 1.19
C ASP A 90 -11.63 -8.06 2.11
N THR A 91 -10.40 -8.59 1.98
CA THR A 91 -9.29 -8.09 2.77
C THR A 91 -9.04 -6.62 2.47
N ALA A 92 -9.10 -5.77 3.51
CA ALA A 92 -8.96 -4.32 3.35
C ALA A 92 -9.04 -3.66 4.71
N VAL A 93 -8.53 -2.43 4.78
CA VAL A 93 -8.89 -1.52 5.87
C VAL A 93 -10.28 -0.98 5.56
N TYR A 94 -11.19 -1.05 6.53
CA TYR A 94 -12.54 -0.56 6.37
C TYR A 94 -12.68 0.74 7.14
N TYR A 95 -13.01 1.81 6.43
CA TYR A 95 -13.28 3.13 7.01
C TYR A 95 -14.77 3.39 7.08
N CYS A 96 -15.25 3.92 8.22
CA CYS A 96 -16.57 4.54 8.20
C CYS A 96 -16.40 6.03 7.94
N ALA A 97 -17.39 6.60 7.27
CA ALA A 97 -17.26 7.99 6.84
C ALA A 97 -18.62 8.67 6.85
N ARG A 98 -18.60 9.94 7.23
CA ARG A 98 -19.79 10.76 7.39
C ARG A 98 -20.07 11.55 6.11
N GLU A 99 -21.33 11.62 5.72
CA GLU A 99 -21.72 12.38 4.53
C GLU A 99 -22.17 13.78 4.94
N ASP A 100 -21.73 14.78 4.19
CA ASP A 100 -22.18 16.16 4.38
C ASP A 100 -23.65 16.29 3.99
N PRO A 101 -24.52 16.76 4.90
CA PRO A 101 -25.95 16.82 4.55
C PRO A 101 -26.30 17.90 3.52
N HIS A 102 -25.45 18.92 3.36
CA HIS A 102 -25.81 20.13 2.62
C HIS A 102 -25.32 20.15 1.19
N LEU A 103 -24.43 19.25 0.80
CA LEU A 103 -23.93 19.19 -0.56
C LEU A 103 -24.68 18.10 -1.32
N LEU A 104 -25.04 18.39 -2.58
CA LEU A 104 -25.85 17.43 -3.33
C LEU A 104 -25.03 16.29 -3.90
N ILE A 105 -23.75 16.52 -4.21
CA ILE A 105 -22.86 15.39 -4.44
C ILE A 105 -22.56 14.75 -3.08
N ALA A 106 -22.67 13.42 -3.02
CA ALA A 106 -22.34 12.73 -1.77
C ALA A 106 -20.88 12.96 -1.44
N THR A 107 -20.62 13.63 -0.32
CA THR A 107 -19.30 14.11 0.07
C THR A 107 -18.95 13.60 1.45
N LEU A 108 -17.78 12.97 1.60
CA LEU A 108 -17.42 12.30 2.86
C LEU A 108 -16.44 13.20 3.63
N ASP A 109 -16.96 13.94 4.61
CA ASP A 109 -16.16 14.99 5.25
C ASP A 109 -15.51 14.57 6.56
N LEU A 110 -15.76 13.37 7.05
CA LEU A 110 -15.17 12.90 8.30
C LEU A 110 -14.93 11.41 8.19
N TRP A 111 -13.71 10.97 8.51
CA TRP A 111 -13.30 9.58 8.39
C TRP A 111 -12.74 9.08 9.71
N GLY A 112 -12.95 7.80 9.99
CA GLY A 112 -12.25 7.16 11.08
C GLY A 112 -10.82 6.80 10.69
N LEU A 113 -10.11 6.20 11.63
CA LEU A 113 -8.77 5.69 11.33
C LEU A 113 -8.78 4.33 10.66
N GLY A 114 -9.92 3.63 10.67
CA GLY A 114 -10.08 2.38 9.95
C GLY A 114 -9.82 1.15 10.81
N THR A 115 -10.35 0.02 10.34
CA THR A 115 -10.12 -1.26 10.99
C THR A 115 -9.77 -2.29 9.92
N LEU A 116 -8.70 -3.05 10.15
CA LEU A 116 -8.17 -3.98 9.15
C LEU A 116 -8.87 -5.32 9.24
N VAL A 117 -9.40 -5.77 8.11
CA VAL A 117 -10.00 -7.09 7.99
C VAL A 117 -9.10 -7.93 7.10
N THR A 118 -8.60 -9.04 7.62
CA THR A 118 -7.71 -9.93 6.87
C THR A 118 -8.40 -11.27 6.70
N VAL A 119 -8.85 -11.57 5.48
CA VAL A 119 -9.54 -12.82 5.20
C VAL A 119 -8.51 -13.82 4.69
N SER A 120 -8.33 -14.92 5.44
CA SER A 120 -7.29 -15.88 5.12
C SER A 120 -7.56 -17.20 5.84
N SER A 121 -7.15 -18.29 5.19
CA SER A 121 -7.18 -19.62 5.79
C SER A 121 -5.89 -19.96 6.51
N ALA A 122 -4.92 -19.04 6.56
CA ALA A 122 -3.62 -19.32 7.16
C ALA A 122 -3.70 -19.37 8.68
N SER A 123 -2.89 -20.24 9.28
CA SER A 123 -2.72 -20.25 10.72
C SER A 123 -1.57 -19.34 11.11
N THR A 124 -1.59 -18.87 12.36
CA THR A 124 -0.48 -18.10 12.89
C THR A 124 0.81 -18.91 12.81
N LYS A 125 1.87 -18.28 12.32
CA LYS A 125 3.13 -19.00 12.08
C LYS A 125 4.27 -18.00 12.12
N GLY A 126 5.33 -18.31 12.87
CA GLY A 126 6.51 -17.46 12.91
C GLY A 126 7.38 -17.65 11.67
N PRO A 127 8.22 -16.67 11.38
CA PRO A 127 9.01 -16.73 10.14
C PRO A 127 10.25 -17.59 10.26
N SER A 128 10.71 -18.07 9.11
CA SER A 128 12.07 -18.55 8.94
C SER A 128 12.92 -17.38 8.46
N VAL A 129 14.13 -17.26 9.01
CA VAL A 129 15.02 -16.14 8.68
C VAL A 129 16.27 -16.69 8.03
N PHE A 130 16.58 -16.19 6.84
CA PHE A 130 17.72 -16.64 6.07
C PHE A 130 18.65 -15.47 5.74
N PRO A 131 19.96 -15.70 5.71
CA PRO A 131 20.89 -14.63 5.36
C PRO A 131 20.85 -14.24 3.89
N LEU A 132 20.95 -12.95 3.63
CA LEU A 132 21.31 -12.43 2.32
C LEU A 132 22.79 -12.07 2.42
N ALA A 133 23.66 -12.99 1.98
CA ALA A 133 25.07 -12.86 2.32
C ALA A 133 25.76 -11.82 1.44
N PRO A 134 26.68 -11.03 1.99
CA PRO A 134 27.40 -10.06 1.16
C PRO A 134 28.26 -10.77 0.12
N SER A 135 28.26 -10.22 -1.10
CA SER A 135 28.89 -10.89 -2.24
C SER A 135 30.40 -11.01 -2.04
N SER A 136 30.97 -12.08 -2.60
CA SER A 136 32.42 -12.24 -2.58
C SER A 136 33.10 -11.31 -3.56
N LYS A 137 32.36 -10.84 -4.56
CA LYS A 137 32.83 -9.79 -5.46
C LYS A 137 32.86 -8.43 -4.77
N SER A 138 32.34 -8.32 -3.54
CA SER A 138 32.40 -7.03 -2.85
C SER A 138 33.82 -6.48 -2.87
N THR A 139 33.93 -5.24 -3.34
CA THR A 139 35.22 -4.60 -3.63
C THR A 139 35.75 -3.87 -2.40
N SER A 140 37.00 -4.19 -2.02
CA SER A 140 37.70 -3.44 -0.98
C SER A 140 37.58 -1.95 -1.25
N GLY A 141 37.47 -1.16 -0.17
CA GLY A 141 37.34 0.27 -0.28
C GLY A 141 36.04 0.78 -0.84
N GLY A 142 35.05 -0.11 -1.02
CA GLY A 142 33.75 0.25 -1.54
C GLY A 142 32.63 -0.06 -0.57
N THR A 143 31.45 -0.33 -1.10
CA THR A 143 30.25 -0.56 -0.31
C THR A 143 29.71 -1.95 -0.62
N ALA A 144 29.23 -2.65 0.40
CA ALA A 144 28.62 -3.96 0.20
C ALA A 144 27.18 -3.92 0.72
N ALA A 145 26.35 -4.78 0.17
CA ALA A 145 24.99 -4.96 0.67
C ALA A 145 24.85 -6.34 1.31
N LEU A 146 24.07 -6.41 2.38
CA LEU A 146 23.73 -7.67 3.02
C LEU A 146 22.34 -7.52 3.65
N GLY A 147 21.77 -8.63 4.08
CA GLY A 147 20.43 -8.54 4.65
C GLY A 147 19.93 -9.85 5.21
N CYS A 148 18.63 -9.85 5.56
CA CYS A 148 17.93 -11.05 5.98
C CYS A 148 16.63 -11.18 5.21
N LEU A 149 16.31 -12.41 4.81
CA LEU A 149 15.03 -12.75 4.21
C LEU A 149 14.15 -13.35 5.31
N VAL A 150 13.01 -12.73 5.57
CA VAL A 150 12.10 -13.09 6.64
C VAL A 150 10.87 -13.70 5.99
N LYS A 151 10.79 -15.03 5.98
CA LYS A 151 9.89 -15.71 5.04
C LYS A 151 8.84 -16.55 5.76
N ASP A 152 7.64 -16.55 5.20
CA ASP A 152 6.57 -17.50 5.51
C ASP A 152 6.03 -17.29 6.91
N TYR A 153 5.54 -16.09 7.20
CA TYR A 153 4.94 -15.81 8.50
C TYR A 153 3.51 -15.34 8.33
N PHE A 154 2.75 -15.44 9.42
CA PHE A 154 1.36 -14.99 9.40
C PHE A 154 0.91 -14.80 10.84
N PRO A 155 0.16 -13.72 11.14
CA PRO A 155 -0.15 -12.62 10.22
C PRO A 155 0.93 -11.53 10.29
N GLU A 156 0.70 -10.40 9.63
CA GLU A 156 1.56 -9.26 9.86
C GLU A 156 1.35 -8.75 11.28
N PRO A 157 2.34 -8.04 11.86
CA PRO A 157 3.65 -7.69 11.28
C PRO A 157 4.84 -8.41 11.89
N VAL A 158 6.00 -8.22 11.26
CA VAL A 158 7.30 -8.49 11.88
C VAL A 158 8.00 -7.15 12.06
N THR A 159 8.95 -7.12 12.99
CA THR A 159 9.90 -6.03 13.06
C THR A 159 11.30 -6.59 12.85
N VAL A 160 12.17 -5.75 12.32
CA VAL A 160 13.56 -6.11 12.08
C VAL A 160 14.45 -4.98 12.56
N SER A 161 15.47 -5.30 13.33
CA SER A 161 16.55 -4.40 13.68
C SER A 161 17.86 -5.04 13.29
N TRP A 162 18.89 -4.22 13.21
CA TRP A 162 20.24 -4.70 12.92
C TRP A 162 21.14 -4.40 14.10
N ASN A 163 21.88 -5.42 14.55
CA ASN A 163 22.83 -5.29 15.66
C ASN A 163 22.16 -4.59 16.85
N SER A 164 20.98 -5.09 17.20
CA SER A 164 20.18 -4.58 18.31
C SER A 164 19.95 -3.09 18.18
N GLY A 165 19.78 -2.61 16.95
CA GLY A 165 19.50 -1.22 16.71
C GLY A 165 20.72 -0.32 16.60
N ALA A 166 21.93 -0.86 16.79
CA ALA A 166 23.12 -0.03 16.65
C ALA A 166 23.34 0.38 15.20
N LEU A 167 22.84 -0.41 14.26
CA LEU A 167 23.01 -0.12 12.84
C LEU A 167 21.66 0.34 12.28
N THR A 168 21.56 1.63 11.97
CA THR A 168 20.34 2.19 11.38
C THR A 168 20.60 2.90 10.07
N SER A 169 21.77 3.52 9.90
CA SER A 169 22.10 4.16 8.64
C SER A 169 22.18 3.11 7.54
N GLY A 170 21.50 3.36 6.43
CA GLY A 170 21.55 2.47 5.27
C GLY A 170 20.62 1.28 5.32
N VAL A 171 19.79 1.18 6.35
CA VAL A 171 18.85 0.07 6.49
C VAL A 171 17.61 0.36 5.66
N HIS A 172 17.17 -0.62 4.88
CA HIS A 172 15.87 -0.59 4.24
C HIS A 172 15.16 -1.90 4.55
N THR A 173 14.04 -1.80 5.27
CA THR A 173 13.20 -2.96 5.55
C THR A 173 11.97 -2.83 4.67
N PHE A 174 11.80 -3.76 3.74
CA PHE A 174 10.77 -3.61 2.74
C PHE A 174 9.40 -3.95 3.29
N PRO A 175 8.36 -3.39 2.69
CA PRO A 175 6.99 -3.86 2.97
C PRO A 175 6.86 -5.35 2.68
N ALA A 176 6.08 -6.03 3.51
CA ALA A 176 5.84 -7.44 3.27
C ALA A 176 5.05 -7.63 1.98
N VAL A 177 5.27 -8.77 1.33
CA VAL A 177 4.44 -9.20 0.21
C VAL A 177 3.71 -10.46 0.63
N LEU A 178 2.48 -10.60 0.14
CA LEU A 178 1.67 -11.80 0.36
C LEU A 178 2.00 -12.84 -0.72
N GLN A 179 2.48 -14.00 -0.30
CA GLN A 179 2.88 -15.04 -1.24
C GLN A 179 1.66 -15.86 -1.66
N SER A 180 1.83 -16.64 -2.74
CA SER A 180 0.72 -17.47 -3.22
C SER A 180 0.25 -18.47 -2.17
N SER A 181 1.11 -18.80 -1.20
CA SER A 181 0.78 -19.67 -0.07
C SER A 181 -0.10 -18.99 0.97
N GLY A 182 -0.34 -17.70 0.84
CA GLY A 182 -1.07 -16.96 1.87
C GLY A 182 -0.23 -16.55 3.06
N LEU A 183 1.08 -16.83 3.04
CA LEU A 183 2.00 -16.38 4.07
C LEU A 183 2.76 -15.16 3.55
N TYR A 184 3.22 -14.33 4.47
CA TYR A 184 3.95 -13.13 4.12
C TYR A 184 5.45 -13.38 4.03
N SER A 185 6.13 -12.52 3.29
CA SER A 185 7.58 -12.54 3.26
C SER A 185 8.07 -11.12 3.12
N LEU A 186 9.24 -10.85 3.69
CA LEU A 186 9.90 -9.57 3.44
C LEU A 186 11.39 -9.74 3.62
N SER A 187 12.13 -8.77 3.07
CA SER A 187 13.57 -8.68 3.25
C SER A 187 13.92 -7.37 3.94
N SER A 188 14.98 -7.41 4.73
CA SER A 188 15.62 -6.23 5.28
C SER A 188 17.06 -6.22 4.80
N VAL A 189 17.51 -5.08 4.29
CA VAL A 189 18.86 -4.97 3.73
C VAL A 189 19.55 -3.76 4.35
N VAL A 190 20.88 -3.77 4.26
CA VAL A 190 21.67 -2.65 4.72
C VAL A 190 22.94 -2.58 3.86
N THR A 191 23.38 -1.37 3.56
CA THR A 191 24.66 -1.20 2.90
C THR A 191 25.69 -0.75 3.92
N VAL A 192 26.90 -1.31 3.82
CA VAL A 192 27.96 -1.09 4.79
C VAL A 192 29.28 -0.95 4.03
N PRO A 193 30.28 -0.35 4.66
CA PRO A 193 31.62 -0.33 4.02
C PRO A 193 32.13 -1.75 3.84
N SER A 194 32.67 -2.03 2.65
CA SER A 194 33.21 -3.36 2.39
C SER A 194 34.33 -3.72 3.36
N SER A 195 35.01 -2.73 3.93
CA SER A 195 36.08 -3.01 4.87
C SER A 195 35.55 -3.56 6.18
N SER A 196 34.29 -3.31 6.51
CA SER A 196 33.73 -3.81 7.75
C SER A 196 33.34 -5.28 7.68
N LEU A 197 33.32 -5.88 6.49
CA LEU A 197 32.87 -7.27 6.36
C LEU A 197 33.77 -8.20 7.16
N GLY A 198 35.07 -8.17 6.87
CA GLY A 198 35.99 -9.04 7.59
C GLY A 198 36.07 -8.76 9.09
N THR A 199 35.62 -7.59 9.53
CA THR A 199 35.83 -7.15 10.90
C THR A 199 34.55 -7.11 11.72
N GLN A 200 33.52 -6.37 11.28
CA GLN A 200 32.31 -6.18 12.07
C GLN A 200 31.34 -7.35 11.91
N THR A 201 30.57 -7.61 12.95
CA THR A 201 29.55 -8.65 12.95
C THR A 201 28.19 -8.04 12.62
N TYR A 202 27.42 -8.73 11.78
CA TYR A 202 26.09 -8.27 11.38
C TYR A 202 25.03 -9.30 11.72
N ILE A 203 24.05 -8.90 12.54
CA ILE A 203 22.97 -9.76 12.98
C ILE A 203 21.65 -9.01 12.81
N CYS A 204 20.67 -9.66 12.20
CA CYS A 204 19.33 -9.08 12.09
C CYS A 204 18.47 -9.65 13.21
N ASN A 205 17.80 -8.76 13.92
CA ASN A 205 16.95 -9.13 15.04
C ASN A 205 15.50 -9.07 14.58
N VAL A 206 14.88 -10.23 14.46
CA VAL A 206 13.54 -10.37 13.90
C VAL A 206 12.57 -10.73 15.01
N ASN A 207 11.49 -9.97 15.13
CA ASN A 207 10.48 -10.23 16.14
C ASN A 207 9.13 -10.41 15.47
N HIS A 208 8.42 -11.49 15.80
CA HIS A 208 7.07 -11.72 15.29
C HIS A 208 6.16 -11.91 16.51
N LYS A 209 5.58 -10.83 16.98
CA LYS A 209 4.76 -10.89 18.19
C LYS A 209 3.59 -11.86 18.12
N PRO A 210 2.83 -11.96 17.01
CA PRO A 210 1.66 -12.85 17.03
C PRO A 210 1.97 -14.31 17.30
N SER A 211 3.18 -14.77 16.99
CA SER A 211 3.59 -16.13 17.27
C SER A 211 4.59 -16.20 18.42
N ASN A 212 4.88 -15.07 19.06
CA ASN A 212 5.89 -14.99 20.12
C ASN A 212 7.22 -15.56 19.65
N THR A 213 7.58 -15.24 18.40
CA THR A 213 8.83 -15.69 17.78
C THR A 213 9.84 -14.56 17.79
N LYS A 214 11.07 -14.87 18.20
CA LYS A 214 12.20 -13.96 18.12
C LYS A 214 13.38 -14.74 17.57
N VAL A 215 14.03 -14.18 16.56
CA VAL A 215 15.19 -14.82 15.93
C VAL A 215 16.26 -13.76 15.74
N ASP A 216 17.50 -14.11 16.11
CA ASP A 216 18.67 -13.28 15.81
C ASP A 216 19.55 -14.07 14.85
N LYS A 217 19.66 -13.58 13.60
CA LYS A 217 20.33 -14.31 12.53
C LYS A 217 21.64 -13.63 12.17
N ARG A 218 22.74 -14.36 12.27
CA ARG A 218 24.03 -13.82 11.85
C ARG A 218 24.12 -13.85 10.33
N VAL A 219 24.60 -12.76 9.73
CA VAL A 219 24.78 -12.67 8.29
C VAL A 219 26.28 -12.52 8.02
N GLU A 220 26.87 -13.54 7.43
CA GLU A 220 28.30 -13.57 7.18
C GLU A 220 28.57 -13.75 5.70
N PRO A 221 29.75 -13.33 5.22
CA PRO A 221 30.20 -13.80 3.91
C PRO A 221 30.24 -15.32 3.90
N LYS A 222 29.79 -15.91 2.80
CA LYS A 222 29.68 -17.36 2.74
C LYS A 222 31.01 -18.00 2.37
N SER A 223 31.14 -19.28 2.71
CA SER A 223 32.34 -20.06 2.41
C SER A 223 32.63 -20.14 0.90
N ASP B 1 -19.63 -0.48 -17.09
CA ASP B 1 -20.00 -0.02 -15.74
C ASP B 1 -19.44 1.36 -15.44
N ILE B 2 -19.81 1.90 -14.28
CA ILE B 2 -19.26 3.18 -13.85
C ILE B 2 -17.74 3.09 -13.80
N GLN B 3 -17.07 4.07 -14.38
CA GLN B 3 -15.62 4.16 -14.38
C GLN B 3 -15.23 5.56 -13.96
N VAL B 4 -14.23 5.64 -13.08
CA VAL B 4 -13.62 6.91 -12.71
C VAL B 4 -12.12 6.73 -12.84
N THR B 5 -11.49 7.51 -13.71
CA THR B 5 -10.09 7.31 -14.05
C THR B 5 -9.34 8.62 -13.90
N GLN B 6 -8.14 8.54 -13.34
CA GLN B 6 -7.31 9.71 -13.10
C GLN B 6 -6.04 9.63 -13.93
N SER B 7 -5.54 10.79 -14.33
CA SER B 7 -4.30 10.87 -15.09
C SER B 7 -3.51 12.11 -14.65
N PRO B 8 -2.17 12.00 -14.52
CA PRO B 8 -1.43 10.75 -14.66
C PRO B 8 -1.60 9.89 -13.40
N SER B 9 -1.10 8.64 -13.43
CA SER B 9 -1.11 7.81 -12.23
C SER B 9 -0.15 8.35 -11.18
N SER B 10 0.96 8.94 -11.62
CA SER B 10 1.92 9.51 -10.68
C SER B 10 2.60 10.70 -11.32
N LEU B 11 3.06 11.62 -10.48
CA LEU B 11 3.84 12.76 -10.96
C LEU B 11 4.76 13.23 -9.87
N SER B 12 5.88 13.82 -10.28
CA SER B 12 6.85 14.37 -9.35
C SER B 12 6.88 15.88 -9.48
N ALA B 13 7.18 16.55 -8.38
CA ALA B 13 7.26 18.00 -8.40
C ALA B 13 8.19 18.47 -7.29
N PHE B 14 8.75 19.66 -7.50
CA PHE B 14 9.53 20.32 -6.47
C PHE B 14 8.62 21.12 -5.56
N VAL B 15 9.05 21.30 -4.32
CA VAL B 15 8.36 22.23 -3.42
C VAL B 15 8.32 23.58 -4.08
N GLY B 16 7.12 24.05 -4.44
CA GLY B 16 6.92 25.28 -5.16
C GLY B 16 6.39 25.12 -6.56
N ASP B 17 6.39 23.90 -7.11
CA ASP B 17 5.87 23.67 -8.45
C ASP B 17 4.35 23.81 -8.50
N ARG B 18 3.83 23.76 -9.72
CA ARG B 18 2.40 23.79 -9.97
C ARG B 18 1.99 22.45 -10.59
N VAL B 19 0.94 21.84 -10.03
CA VAL B 19 0.57 20.47 -10.32
C VAL B 19 -0.88 20.43 -10.78
N THR B 20 -1.18 19.55 -11.75
CA THR B 20 -2.56 19.39 -12.20
C THR B 20 -2.89 17.91 -12.40
N ILE B 21 -3.97 17.47 -11.74
CA ILE B 21 -4.45 16.09 -11.83
C ILE B 21 -5.77 16.08 -12.60
N THR B 22 -5.94 15.09 -13.47
CA THR B 22 -7.14 14.97 -14.29
C THR B 22 -8.01 13.82 -13.80
N CYS B 23 -9.32 14.05 -13.79
CA CYS B 23 -10.30 13.02 -13.40
C CYS B 23 -11.32 12.86 -14.52
N ARG B 24 -11.43 11.64 -15.03
CA ARG B 24 -12.46 11.28 -16.01
CA ARG B 24 -12.46 11.28 -16.00
C ARG B 24 -13.43 10.32 -15.33
N ALA B 25 -14.69 10.73 -15.23
CA ALA B 25 -15.69 9.97 -14.48
C ALA B 25 -16.97 9.83 -15.27
N SER B 26 -17.51 8.61 -15.34
CA SER B 26 -18.87 8.38 -15.85
C SER B 26 -19.80 9.45 -15.29
N GLN B 27 -20.67 9.99 -16.17
CA GLN B 27 -21.52 11.10 -15.79
C GLN B 27 -22.32 10.77 -14.52
N GLY B 28 -22.27 11.67 -13.55
CA GLY B 28 -22.81 11.43 -12.24
C GLY B 28 -24.14 12.12 -12.01
N LEU B 29 -24.48 12.29 -10.75
CA LEU B 29 -25.77 12.91 -10.39
C LEU B 29 -25.75 14.42 -10.59
N THR B 30 -24.62 15.09 -10.27
CA THR B 30 -24.59 16.54 -10.12
C THR B 30 -23.54 17.29 -10.93
N SER B 31 -22.69 16.62 -11.68
CA SER B 31 -21.61 17.27 -12.43
C SER B 31 -20.63 18.05 -11.54
N PHE B 32 -20.71 17.89 -10.22
CA PHE B 32 -19.64 18.31 -9.34
C PHE B 32 -18.66 17.16 -9.16
N ILE B 33 -17.59 17.41 -8.39
CA ILE B 33 -16.59 16.39 -8.11
C ILE B 33 -15.96 16.65 -6.74
N ASN B 34 -15.47 15.59 -6.12
CA ASN B 34 -14.77 15.68 -4.84
C ASN B 34 -13.36 15.16 -4.97
N TRP B 35 -12.45 15.78 -4.22
CA TRP B 35 -11.05 15.36 -4.15
C TRP B 35 -10.70 15.05 -2.70
N TYR B 36 -9.94 13.96 -2.52
CA TYR B 36 -9.46 13.56 -1.20
C TYR B 36 -7.96 13.41 -1.25
N GLN B 37 -7.33 13.52 -0.09
CA GLN B 37 -5.90 13.38 0.06
C GLN B 37 -5.60 12.31 1.08
N GLN B 38 -4.61 11.46 0.78
CA GLN B 38 -4.21 10.40 1.70
C GLN B 38 -2.70 10.25 1.72
N LYS B 39 -2.14 10.19 2.91
CA LYS B 39 -0.72 9.98 3.06
C LYS B 39 -0.45 8.55 3.53
N PRO B 40 0.76 8.02 3.27
CA PRO B 40 0.99 6.59 3.55
C PRO B 40 0.69 6.25 4.99
N GLY B 41 0.02 5.12 5.19
CA GLY B 41 -0.34 4.65 6.50
C GLY B 41 -1.37 5.47 7.23
N ARG B 42 -1.99 6.44 6.57
CA ARG B 42 -2.95 7.34 7.19
C ARG B 42 -4.31 7.20 6.52
N ALA B 43 -5.32 7.67 7.23
CA ALA B 43 -6.66 7.69 6.68
C ALA B 43 -6.80 8.80 5.63
N PRO B 44 -7.68 8.61 4.66
CA PRO B 44 -8.00 9.70 3.72
C PRO B 44 -8.66 10.86 4.45
N LYS B 45 -8.56 12.04 3.84
CA LYS B 45 -9.32 13.18 4.31
C LYS B 45 -9.90 13.92 3.13
N LEU B 46 -11.03 14.57 3.34
CA LEU B 46 -11.63 15.40 2.29
C LEU B 46 -10.74 16.61 2.05
N LEU B 47 -10.34 16.83 0.80
CA LEU B 47 -9.54 18.01 0.47
C LEU B 47 -10.41 19.17 0.00
N ILE B 48 -11.21 18.95 -1.04
CA ILE B 48 -12.04 20.02 -1.60
C ILE B 48 -13.18 19.39 -2.38
N SER B 49 -14.34 20.04 -2.34
CA SER B 49 -15.48 19.69 -3.17
C SER B 49 -15.73 20.79 -4.18
N SER B 50 -15.85 20.42 -5.47
CA SER B 50 -16.19 21.44 -6.45
C SER B 50 -17.62 21.97 -6.27
N ALA B 51 -18.39 21.38 -5.36
CA ALA B 51 -19.72 21.86 -5.04
C ALA B 51 -19.74 22.92 -3.95
N SER B 52 -18.63 23.10 -3.22
CA SER B 52 -18.61 24.02 -2.09
C SER B 52 -18.51 25.47 -2.55
N SER B 53 -18.98 26.37 -1.68
CA SER B 53 -18.91 27.80 -1.92
C SER B 53 -18.49 28.61 -0.70
N LEU B 54 -18.73 28.14 0.51
CA LEU B 54 -18.15 28.74 1.71
C LEU B 54 -16.63 28.65 1.63
N GLN B 55 -15.93 29.24 2.58
CA GLN B 55 -14.48 29.28 2.45
C GLN B 55 -13.80 28.01 2.97
N ARG B 56 -14.22 27.53 4.15
CA ARG B 56 -13.65 26.32 4.74
C ARG B 56 -12.18 26.47 5.07
N GLY B 57 -11.62 25.53 5.83
CA GLY B 57 -10.24 25.61 6.21
C GLY B 57 -9.27 25.31 5.08
N VAL B 58 -9.80 25.15 3.87
CA VAL B 58 -8.98 24.83 2.70
C VAL B 58 -7.97 25.96 2.50
N PRO B 59 -6.66 25.65 2.45
CA PRO B 59 -5.66 26.70 2.28
C PRO B 59 -5.72 27.44 0.94
N SER B 60 -6.67 27.09 0.07
CA SER B 60 -7.05 27.81 -1.15
C SER B 60 -6.08 27.63 -2.30
N ARG B 61 -4.86 27.15 -2.08
CA ARG B 61 -4.00 26.85 -3.21
C ARG B 61 -4.48 25.65 -4.02
N PHE B 62 -5.61 25.06 -3.65
CA PHE B 62 -6.19 23.93 -4.37
C PHE B 62 -7.40 24.42 -5.16
N THR B 63 -7.49 24.02 -6.43
CA THR B 63 -8.59 24.42 -7.31
C THR B 63 -9.16 23.21 -8.02
N ALA B 64 -10.47 23.07 -8.00
CA ALA B 64 -11.16 21.96 -8.68
C ALA B 64 -12.07 22.52 -9.76
N SER B 65 -11.57 22.53 -10.99
CA SER B 65 -12.30 23.00 -12.15
C SER B 65 -12.86 21.82 -12.95
N GLY B 66 -13.96 22.08 -13.66
CA GLY B 66 -14.53 21.10 -14.55
C GLY B 66 -16.02 20.93 -14.32
N SER B 67 -16.60 20.05 -15.14
CA SER B 67 -18.01 19.70 -15.10
C SER B 67 -18.26 18.56 -16.07
N GLY B 68 -19.25 17.73 -15.77
CA GLY B 68 -19.67 16.67 -16.69
C GLY B 68 -18.96 15.35 -16.42
N THR B 69 -18.02 14.99 -17.30
CA THR B 69 -17.19 13.81 -17.11
C THR B 69 -15.72 14.14 -16.95
N HIS B 70 -15.33 15.42 -16.96
CA HIS B 70 -13.92 15.84 -17.04
C HIS B 70 -13.62 16.91 -15.99
N PHE B 71 -12.67 16.62 -15.09
CA PHE B 71 -12.33 17.51 -13.98
C PHE B 71 -10.83 17.55 -13.77
N THR B 72 -10.37 18.61 -13.10
CA THR B 72 -8.96 18.75 -12.73
C THR B 72 -8.84 19.32 -11.33
N LEU B 73 -7.76 18.96 -10.65
CA LEU B 73 -7.32 19.58 -9.40
C LEU B 73 -5.94 20.17 -9.63
N THR B 74 -5.75 21.42 -9.22
CA THR B 74 -4.47 22.10 -9.38
C THR B 74 -3.94 22.57 -8.02
N ILE B 75 -2.64 22.38 -7.82
CA ILE B 75 -1.95 22.83 -6.61
C ILE B 75 -0.94 23.88 -7.05
N SER B 76 -1.27 25.15 -6.85
CA SER B 76 -0.33 26.22 -7.11
C SER B 76 0.61 26.36 -5.92
N SER B 77 1.92 26.40 -6.21
CA SER B 77 2.97 26.46 -5.19
C SER B 77 2.82 25.30 -4.20
N LEU B 78 3.24 24.13 -4.69
CA LEU B 78 3.23 22.91 -3.90
C LEU B 78 4.09 23.10 -2.64
N GLN B 79 3.58 22.60 -1.52
CA GLN B 79 4.23 22.70 -0.22
C GLN B 79 4.54 21.30 0.31
N PRO B 80 5.49 21.19 1.26
CA PRO B 80 5.96 19.84 1.67
C PRO B 80 4.85 18.92 2.14
N GLU B 81 3.86 19.45 2.85
CA GLU B 81 2.78 18.61 3.33
C GLU B 81 1.82 18.18 2.21
N ASP B 82 2.05 18.58 0.97
CA ASP B 82 1.16 18.21 -0.12
C ASP B 82 1.57 16.95 -0.85
N PHE B 83 2.76 16.42 -0.57
CA PHE B 83 3.17 15.16 -1.19
C PHE B 83 2.36 14.04 -0.57
N ALA B 84 1.57 13.36 -1.41
CA ALA B 84 0.53 12.43 -0.97
C ALA B 84 -0.16 11.84 -2.19
N THR B 85 -1.16 11.00 -1.96
CA THR B 85 -1.98 10.45 -3.04
C THR B 85 -3.33 11.15 -3.03
N TYR B 86 -3.85 11.46 -4.22
CA TYR B 86 -5.09 12.22 -4.37
C TYR B 86 -6.12 11.39 -5.12
N TYR B 87 -7.34 11.37 -4.59
CA TYR B 87 -8.43 10.63 -5.19
C TYR B 87 -9.55 11.61 -5.56
N CYS B 88 -10.09 11.46 -6.77
CA CYS B 88 -11.33 12.14 -7.09
C CYS B 88 -12.50 11.18 -6.83
N GLN B 89 -13.69 11.74 -6.68
CA GLN B 89 -14.84 10.92 -6.32
C GLN B 89 -16.12 11.56 -6.86
N GLN B 90 -16.95 10.72 -7.48
CA GLN B 90 -18.24 11.13 -8.02
C GLN B 90 -19.35 10.38 -7.29
N SER B 91 -20.56 10.96 -7.31
CA SER B 91 -21.74 10.29 -6.78
C SER B 91 -22.82 10.17 -7.86
N TYR B 92 -23.73 9.22 -7.65
CA TYR B 92 -24.64 8.77 -8.69
C TYR B 92 -26.04 8.56 -8.13
N GLY B 93 -27.03 8.54 -9.02
CA GLY B 93 -28.41 8.46 -8.60
C GLY B 93 -28.93 7.08 -8.25
N THR B 94 -28.13 6.03 -8.42
CA THR B 94 -28.54 4.66 -8.10
C THR B 94 -29.16 4.49 -6.71
N PRO B 95 -28.57 4.99 -5.60
CA PRO B 95 -27.34 5.77 -5.46
C PRO B 95 -26.06 4.94 -5.37
N ALA B 96 -24.93 5.62 -5.55
CA ALA B 96 -23.61 5.02 -5.39
C ALA B 96 -22.59 6.15 -5.33
N LEU B 97 -21.42 5.81 -4.79
CA LEU B 97 -20.23 6.65 -4.87
C LEU B 97 -19.14 5.87 -5.58
N ALA B 98 -18.24 6.57 -6.26
CA ALA B 98 -17.16 5.94 -7.00
C ALA B 98 -15.89 6.78 -6.89
N PHE B 99 -14.80 6.15 -6.48
CA PHE B 99 -13.51 6.81 -6.36
C PHE B 99 -12.66 6.52 -7.59
N GLY B 100 -11.92 7.53 -8.03
CA GLY B 100 -10.85 7.31 -8.99
C GLY B 100 -9.74 6.46 -8.40
N GLY B 101 -8.84 6.01 -9.28
CA GLY B 101 -7.77 5.13 -8.85
C GLY B 101 -6.63 5.79 -8.10
N GLY B 102 -6.59 7.11 -8.07
CA GLY B 102 -5.61 7.83 -7.30
C GLY B 102 -4.46 8.34 -8.14
N THR B 103 -3.83 9.41 -7.66
CA THR B 103 -2.65 9.99 -8.29
C THR B 103 -1.64 10.30 -7.19
N LYS B 104 -0.46 9.69 -7.27
CA LYS B 104 0.57 9.91 -6.25
C LYS B 104 1.47 11.05 -6.70
N VAL B 105 1.61 12.06 -5.85
CA VAL B 105 2.52 13.18 -6.07
C VAL B 105 3.74 12.96 -5.17
N ASP B 106 4.90 12.73 -5.77
CA ASP B 106 6.10 12.49 -4.97
C ASP B 106 7.10 13.61 -5.21
N ILE B 107 8.21 13.55 -4.47
CA ILE B 107 9.16 14.64 -4.43
C ILE B 107 10.17 14.48 -5.55
N LYS B 108 10.27 15.48 -6.41
CA LYS B 108 11.24 15.46 -7.48
C LYS B 108 12.63 15.79 -6.95
N ARG B 109 13.63 15.14 -7.54
CA ARG B 109 15.03 15.36 -7.20
C ARG B 109 15.84 14.92 -8.41
N THR B 110 17.17 15.10 -8.34
CA THR B 110 18.00 14.68 -9.45
C THR B 110 17.94 13.17 -9.65
N VAL B 111 18.00 12.75 -10.91
CA VAL B 111 17.95 11.34 -11.24
C VAL B 111 19.14 10.61 -10.63
N ALA B 112 18.87 9.45 -10.03
CA ALA B 112 19.91 8.62 -9.43
C ALA B 112 19.67 7.16 -9.84
N ALA B 113 20.66 6.56 -10.51
CA ALA B 113 20.57 5.16 -10.89
C ALA B 113 20.62 4.26 -9.64
N PRO B 114 19.97 3.11 -9.67
CA PRO B 114 20.05 2.19 -8.54
C PRO B 114 21.42 1.53 -8.45
N SER B 115 21.82 1.21 -7.23
CA SER B 115 22.91 0.27 -7.00
C SER B 115 22.30 -1.11 -6.88
N VAL B 116 22.74 -2.02 -7.73
CA VAL B 116 22.08 -3.31 -7.89
C VAL B 116 22.92 -4.38 -7.19
N PHE B 117 22.25 -5.27 -6.47
CA PHE B 117 22.90 -6.40 -5.81
C PHE B 117 22.04 -7.64 -5.97
N ILE B 118 22.68 -8.79 -6.18
CA ILE B 118 21.97 -10.07 -6.28
C ILE B 118 22.45 -10.96 -5.16
N PHE B 119 21.52 -11.72 -4.56
CA PHE B 119 21.82 -12.61 -3.44
C PHE B 119 21.35 -14.02 -3.78
N PRO B 120 22.24 -15.01 -3.71
CA PRO B 120 21.82 -16.40 -3.89
C PRO B 120 21.04 -16.90 -2.67
N PRO B 121 20.29 -17.98 -2.82
CA PRO B 121 19.61 -18.57 -1.66
C PRO B 121 20.61 -19.21 -0.70
N SER B 122 20.26 -19.24 0.57
CA SER B 122 21.12 -19.83 1.57
C SER B 122 21.04 -21.35 1.52
N ASP B 123 22.14 -22.02 1.86
CA ASP B 123 22.09 -23.48 1.95
C ASP B 123 21.02 -23.92 2.94
N GLU B 124 20.84 -23.15 4.02
CA GLU B 124 19.80 -23.46 5.00
C GLU B 124 18.42 -23.53 4.35
N GLN B 125 18.07 -22.54 3.52
CA GLN B 125 16.76 -22.55 2.89
C GLN B 125 16.63 -23.71 1.90
N LEU B 126 17.70 -24.01 1.17
CA LEU B 126 17.65 -25.05 0.15
C LEU B 126 17.27 -26.39 0.75
N LYS B 127 17.80 -26.70 1.93
CA LYS B 127 17.46 -27.97 2.57
C LYS B 127 15.98 -28.07 2.87
N SER B 128 15.32 -26.93 3.14
CA SER B 128 13.89 -26.91 3.39
C SER B 128 13.06 -27.05 2.11
N GLY B 129 13.68 -27.00 0.93
CA GLY B 129 12.99 -27.30 -0.32
C GLY B 129 12.76 -26.13 -1.26
N THR B 130 13.21 -24.93 -0.93
CA THR B 130 12.88 -23.73 -1.70
C THR B 130 14.12 -22.87 -1.88
N ALA B 131 14.18 -22.19 -3.03
CA ALA B 131 15.25 -21.24 -3.32
C ALA B 131 14.63 -19.87 -3.57
N SER B 132 14.92 -18.92 -2.69
CA SER B 132 14.62 -17.51 -2.92
C SER B 132 15.89 -16.83 -3.42
N VAL B 133 15.80 -16.22 -4.59
CA VAL B 133 16.88 -15.41 -5.14
C VAL B 133 16.44 -13.96 -5.09
N VAL B 134 17.27 -13.09 -4.52
CA VAL B 134 16.85 -11.74 -4.21
C VAL B 134 17.72 -10.76 -4.98
N CYS B 135 17.06 -9.79 -5.62
CA CYS B 135 17.71 -8.69 -6.31
C CYS B 135 17.29 -7.38 -5.66
N LEU B 136 18.28 -6.60 -5.26
CA LEU B 136 18.08 -5.32 -4.59
C LEU B 136 18.47 -4.18 -5.51
N LEU B 137 17.56 -3.22 -5.67
CA LEU B 137 17.83 -1.95 -6.34
C LEU B 137 17.82 -0.88 -5.26
N ASN B 138 18.97 -0.27 -4.99
CA ASN B 138 19.11 0.58 -3.82
C ASN B 138 19.22 2.05 -4.18
N ASN B 139 18.43 2.90 -3.51
CA ASN B 139 18.58 4.35 -3.50
C ASN B 139 18.54 4.98 -4.90
N PHE B 140 17.42 4.80 -5.59
CA PHE B 140 17.27 5.32 -6.94
C PHE B 140 16.14 6.34 -7.01
N TYR B 141 16.16 7.14 -8.09
CA TYR B 141 15.08 8.06 -8.37
C TYR B 141 15.12 8.34 -9.86
N PRO B 142 13.97 8.34 -10.56
CA PRO B 142 12.57 8.21 -10.12
C PRO B 142 12.14 6.79 -9.78
N ARG B 143 10.87 6.65 -9.39
CA ARG B 143 10.35 5.37 -8.93
C ARG B 143 10.38 4.30 -10.03
N GLU B 144 10.17 4.70 -11.28
CA GLU B 144 9.95 3.74 -12.35
C GLU B 144 11.22 2.94 -12.59
N ALA B 145 11.12 1.62 -12.53
CA ALA B 145 12.28 0.76 -12.73
C ALA B 145 11.79 -0.63 -13.09
N LYS B 146 12.54 -1.32 -13.93
CA LYS B 146 12.17 -2.66 -14.39
C LYS B 146 13.26 -3.64 -14.00
N VAL B 147 12.85 -4.75 -13.40
CA VAL B 147 13.72 -5.88 -13.08
C VAL B 147 13.33 -7.02 -13.98
N GLN B 148 14.31 -7.63 -14.66
CA GLN B 148 14.07 -8.81 -15.47
C GLN B 148 14.95 -9.94 -14.93
N TRP B 149 14.34 -11.05 -14.54
CA TRP B 149 15.09 -12.20 -14.09
C TRP B 149 15.44 -13.09 -15.29
N LYS B 150 16.68 -13.53 -15.35
CA LYS B 150 17.14 -14.43 -16.39
C LYS B 150 17.80 -15.63 -15.75
N VAL B 151 17.43 -16.83 -16.20
CA VAL B 151 17.96 -18.07 -15.65
C VAL B 151 18.56 -18.85 -16.82
N ASP B 152 19.87 -19.04 -16.77
CA ASP B 152 20.64 -19.52 -17.92
C ASP B 152 20.23 -18.77 -19.19
N ASN B 153 20.12 -17.45 -19.02
CA ASN B 153 19.73 -16.45 -20.01
C ASN B 153 18.30 -16.59 -20.51
N ALA B 154 17.49 -17.46 -19.91
CA ALA B 154 16.07 -17.53 -20.25
C ALA B 154 15.29 -16.54 -19.40
N LEU B 155 14.50 -15.69 -20.05
CA LEU B 155 13.75 -14.67 -19.34
C LEU B 155 12.62 -15.29 -18.54
N GLN B 156 12.54 -14.94 -17.26
CA GLN B 156 11.53 -15.50 -16.36
C GLN B 156 10.28 -14.63 -16.32
N SER B 157 9.15 -15.27 -16.05
CA SER B 157 7.93 -14.54 -15.80
C SER B 157 7.04 -15.36 -14.87
N GLY B 158 6.27 -14.67 -14.04
CA GLY B 158 5.30 -15.33 -13.19
C GLY B 158 5.84 -15.91 -11.89
N ASN B 159 7.15 -15.87 -11.67
CA ASN B 159 7.75 -16.49 -10.50
C ASN B 159 8.56 -15.51 -9.65
N SER B 160 8.20 -14.23 -9.69
CA SER B 160 8.85 -13.24 -8.84
C SER B 160 7.83 -12.28 -8.25
N GLN B 161 8.20 -11.65 -7.14
CA GLN B 161 7.41 -10.58 -6.54
C GLN B 161 8.32 -9.44 -6.14
N GLU B 162 7.81 -8.21 -6.25
CA GLU B 162 8.54 -6.99 -5.96
C GLU B 162 7.95 -6.25 -4.77
N SER B 163 8.81 -5.57 -4.03
CA SER B 163 8.40 -4.65 -2.98
C SER B 163 9.23 -3.39 -3.07
N VAL B 164 8.64 -2.24 -2.74
CA VAL B 164 9.32 -0.96 -2.85
C VAL B 164 9.10 -0.16 -1.57
N THR B 165 10.15 0.52 -1.13
CA THR B 165 10.02 1.38 0.05
C THR B 165 9.27 2.66 -0.30
N GLU B 166 8.75 3.32 0.74
CA GLU B 166 8.28 4.68 0.55
C GLU B 166 9.48 5.60 0.28
N GLN B 167 9.19 6.74 -0.32
CA GLN B 167 10.26 7.67 -0.66
C GLN B 167 10.99 8.09 0.61
N ASP B 168 12.31 8.04 0.57
CA ASP B 168 13.12 8.23 1.76
C ASP B 168 13.02 9.66 2.28
N SER B 169 12.86 9.80 3.59
CA SER B 169 12.63 11.13 4.18
C SER B 169 13.83 12.04 4.06
N LYS B 170 15.04 11.50 3.90
CA LYS B 170 16.24 12.32 3.92
C LYS B 170 16.80 12.58 2.52
N ASP B 171 16.76 11.60 1.61
CA ASP B 171 17.36 11.79 0.28
C ASP B 171 16.36 11.62 -0.86
N SER B 172 15.10 11.36 -0.57
CA SER B 172 14.02 11.32 -1.57
C SER B 172 14.21 10.20 -2.61
N THR B 173 15.01 9.18 -2.30
CA THR B 173 15.13 8.03 -3.19
C THR B 173 14.17 6.91 -2.79
N TYR B 174 14.12 5.90 -3.67
CA TYR B 174 13.40 4.65 -3.44
C TYR B 174 14.40 3.49 -3.40
N SER B 175 13.97 2.38 -2.79
CA SER B 175 14.66 1.12 -2.95
C SER B 175 13.64 0.05 -3.26
N LEU B 176 14.11 -1.01 -3.92
CA LEU B 176 13.22 -2.04 -4.44
C LEU B 176 13.89 -3.40 -4.28
N SER B 177 13.09 -4.40 -3.88
CA SER B 177 13.55 -5.78 -3.91
C SER B 177 12.69 -6.59 -4.85
N SER B 178 13.32 -7.47 -5.62
CA SER B 178 12.63 -8.46 -6.43
C SER B 178 13.08 -9.84 -5.98
N THR B 179 12.13 -10.73 -5.69
CA THR B 179 12.46 -12.05 -5.19
C THR B 179 11.97 -13.11 -6.18
N LEU B 180 12.91 -13.89 -6.71
CA LEU B 180 12.60 -15.03 -7.57
C LEU B 180 12.47 -16.27 -6.69
N THR B 181 11.35 -16.99 -6.80
CA THR B 181 11.14 -18.18 -5.97
C THR B 181 11.06 -19.41 -6.86
N LEU B 182 11.95 -20.37 -6.59
CA LEU B 182 11.99 -21.65 -7.28
C LEU B 182 12.01 -22.77 -6.26
N SER B 183 11.52 -23.95 -6.66
CA SER B 183 11.76 -25.13 -5.86
C SER B 183 13.26 -25.43 -5.83
N LYS B 184 13.69 -26.18 -4.81
CA LYS B 184 15.06 -26.66 -4.79
C LYS B 184 15.40 -27.38 -6.08
N ALA B 185 14.49 -28.21 -6.55
CA ALA B 185 14.75 -29.03 -7.74
C ALA B 185 14.92 -28.15 -8.98
N ASP B 186 14.05 -27.15 -9.17
CA ASP B 186 14.19 -26.28 -10.32
C ASP B 186 15.45 -25.42 -10.22
N TYR B 187 15.75 -24.94 -9.02
CA TYR B 187 16.96 -24.15 -8.81
C TYR B 187 18.20 -24.92 -9.23
N GLU B 188 18.29 -26.20 -8.87
CA GLU B 188 19.46 -27.00 -9.14
C GLU B 188 19.60 -27.38 -10.61
N LYS B 189 18.60 -27.11 -11.44
CA LYS B 189 18.70 -27.43 -12.87
C LYS B 189 19.50 -26.41 -13.66
N HIS B 190 19.85 -25.27 -13.07
CA HIS B 190 20.43 -24.18 -13.84
C HIS B 190 21.67 -23.63 -13.15
N LYS B 191 22.51 -22.95 -13.94
CA LYS B 191 23.76 -22.43 -13.43
C LYS B 191 23.72 -20.92 -13.18
N VAL B 192 23.35 -20.14 -14.17
CA VAL B 192 23.53 -18.68 -14.13
C VAL B 192 22.21 -18.03 -13.74
N TYR B 193 22.25 -17.28 -12.64
CA TYR B 193 21.11 -16.51 -12.16
C TYR B 193 21.44 -15.04 -12.30
N ALA B 194 20.57 -14.28 -12.96
CA ALA B 194 20.87 -12.90 -13.29
C ALA B 194 19.64 -12.03 -13.10
N CYS B 195 19.88 -10.85 -12.54
CA CYS B 195 18.91 -9.77 -12.41
C CYS B 195 19.33 -8.63 -13.35
N GLU B 196 18.49 -8.27 -14.32
CA GLU B 196 18.80 -7.20 -15.25
C GLU B 196 17.85 -6.02 -15.07
N VAL B 197 18.40 -4.82 -14.96
CA VAL B 197 17.71 -3.64 -14.47
C VAL B 197 17.75 -2.53 -15.52
N THR B 198 16.62 -1.89 -15.77
CA THR B 198 16.57 -0.64 -16.52
C THR B 198 15.91 0.44 -15.67
N HIS B 199 16.36 1.69 -15.90
CA HIS B 199 16.00 2.85 -15.10
C HIS B 199 16.50 4.09 -15.84
N GLN B 200 15.82 5.22 -15.61
CA GLN B 200 16.18 6.45 -16.32
C GLN B 200 17.64 6.85 -16.08
N GLY B 201 18.20 6.51 -14.92
CA GLY B 201 19.58 6.82 -14.63
C GLY B 201 20.60 5.94 -15.33
N LEU B 202 20.15 4.93 -16.08
CA LEU B 202 21.02 4.00 -16.78
C LEU B 202 20.78 4.12 -18.28
N SER B 203 21.85 4.33 -19.05
CA SER B 203 21.68 4.45 -20.49
C SER B 203 21.65 3.09 -21.20
N SER B 204 22.05 2.04 -20.51
CA SER B 204 21.89 0.67 -20.97
C SER B 204 21.64 -0.20 -19.75
N PRO B 205 21.14 -1.41 -19.94
CA PRO B 205 20.75 -2.21 -18.76
C PRO B 205 21.95 -2.64 -17.95
N VAL B 206 21.72 -2.74 -16.64
CA VAL B 206 22.70 -3.24 -15.69
C VAL B 206 22.31 -4.66 -15.30
N THR B 207 23.28 -5.58 -15.31
CA THR B 207 23.04 -6.96 -14.93
C THR B 207 23.94 -7.35 -13.77
N LYS B 208 23.35 -7.94 -12.72
CA LYS B 208 24.12 -8.59 -11.67
C LYS B 208 23.80 -10.07 -11.71
N SER B 209 24.82 -10.92 -11.56
CA SER B 209 24.59 -12.34 -11.72
C SER B 209 25.50 -13.14 -10.80
N PHE B 210 25.15 -14.42 -10.64
CA PHE B 210 26.03 -15.37 -9.98
C PHE B 210 25.84 -16.74 -10.61
N ASN B 211 26.84 -17.58 -10.43
CA ASN B 211 26.80 -18.98 -10.86
C ASN B 211 26.52 -19.85 -9.66
N ARG B 212 25.51 -20.73 -9.78
CA ARG B 212 25.11 -21.56 -8.65
C ARG B 212 26.27 -22.42 -8.19
N GLY B 213 26.60 -22.32 -6.90
CA GLY B 213 27.71 -23.04 -6.32
C GLY B 213 28.98 -22.22 -6.17
N GLU B 214 29.13 -21.16 -6.95
CA GLU B 214 30.33 -20.33 -6.90
C GLU B 214 30.13 -19.06 -6.10
N SER C 1 -37.37 18.40 -2.25
CA SER C 1 -36.83 17.15 -2.76
C SER C 1 -35.84 16.54 -1.77
N THR C 2 -35.36 15.35 -2.10
CA THR C 2 -34.57 14.52 -1.19
C THR C 2 -33.32 14.00 -1.89
N LYS C 3 -32.19 14.08 -1.21
CA LYS C 3 -30.96 13.50 -1.76
C LYS C 3 -31.05 11.98 -1.76
N PRO C 4 -30.79 11.32 -2.89
CA PRO C 4 -30.85 9.84 -2.90
C PRO C 4 -29.80 9.19 -2.02
N SER C 5 -28.69 9.89 -1.70
CA SER C 5 -27.58 9.26 -1.00
C SER C 5 -27.80 9.22 0.52
N ASP C 6 -28.33 10.28 1.11
CA ASP C 6 -28.47 10.34 2.56
C ASP C 6 -29.89 10.61 3.03
N GLY C 7 -30.84 10.85 2.12
CA GLY C 7 -32.21 11.14 2.50
C GLY C 7 -32.46 12.54 2.99
N ASN C 8 -31.43 13.38 3.05
CA ASN C 8 -31.60 14.73 3.55
C ASN C 8 -32.21 15.64 2.47
N SER C 9 -32.69 16.78 2.92
CA SER C 9 -33.35 17.74 2.04
C SER C 9 -32.33 18.40 1.12
N THR C 10 -32.77 18.72 -0.10
CA THR C 10 -31.90 19.30 -1.11
C THR C 10 -31.85 20.84 -1.04
#